data_8AKJ
#
_entry.id   8AKJ
#
_cell.length_a   60.512
_cell.length_b   79.579
_cell.length_c   55.955
_cell.angle_alpha   90.000
_cell.angle_beta   90.000
_cell.angle_gamma   90.000
#
_symmetry.space_group_name_H-M   'P 21 21 2'
#
loop_
_entity.id
_entity.type
_entity.pdbx_description
1 polymer 'Carbapenem-hydrolyzing beta-lactamase KPC'
2 non-polymer 'SULFATE ION'
3 non-polymer GLYCEROL
4 non-polymer '5-METHYLENE-2-[2-OXO-1-(2-THIOPHEN-2-YL-ACETYLAMINO)-ETHYL]-5,6-DIHYDRO-2H-[1,3]THIAZINE-4-CARBOXYLIC ACID'
5 water water
#
_entity_poly.entity_id   1
_entity_poly.type   'polypeptide(L)'
_entity_poly.pdbx_seq_one_letter_code
;MGSSHHHHHHSSGLVPRGSHMLTNLVAEPFAKLEQDFGGSIGVYAMDTGSGATVSYRAEERFPLCSSFKGFLAAAVLARS
QQQAGLLDTPIRYGKNALVPWSPISEKYLTTGMTVAELSAAAVQYSDNAAANLLLKELGGPAGLTAFMRSIGDTTFRLDR
WQLELNSAIPGDARDTSSPRAVTESLQKLTLGSALAAPQRQQFVDWLKGNTTGNHRIRAAVPADWAVGDKTGTCGVYGTA
NDYAVVWPTGRAPIVLAVYTRAPNKDDKHSEAVIAAAARLALEGLGVNGQ
;
_entity_poly.pdbx_strand_id   A
#
# COMPACT_ATOMS: atom_id res chain seq x y z
N LEU A 22 22.48 -11.18 -3.17
CA LEU A 22 21.26 -11.91 -3.48
C LEU A 22 20.24 -11.03 -4.21
N THR A 23 20.67 -9.84 -4.62
CA THR A 23 19.82 -8.92 -5.37
C THR A 23 19.98 -9.17 -6.87
N ASN A 24 18.86 -9.37 -7.55
CA ASN A 24 18.82 -9.52 -9.01
C ASN A 24 19.76 -10.62 -9.51
N LEU A 25 19.66 -11.80 -8.87
CA LEU A 25 20.39 -12.97 -9.36
C LEU A 25 19.98 -13.33 -10.78
N VAL A 26 18.74 -13.01 -11.15
CA VAL A 26 18.16 -13.30 -12.46
C VAL A 26 17.59 -12.01 -13.01
N ALA A 27 18.12 -11.56 -14.15
CA ALA A 27 17.65 -10.32 -14.76
C ALA A 27 16.28 -10.53 -15.42
N GLU A 28 15.44 -9.51 -15.37
CA GLU A 28 14.10 -9.51 -15.96
C GLU A 28 13.90 -8.24 -16.78
N PRO A 29 13.05 -8.29 -17.82
CA PRO A 29 12.94 -7.16 -18.78
C PRO A 29 12.04 -6.02 -18.32
N PHE A 30 12.36 -5.45 -17.16
CA PHE A 30 11.60 -4.30 -16.65
C PHE A 30 11.73 -3.09 -17.59
N ALA A 31 12.90 -2.88 -18.18
CA ALA A 31 13.09 -1.69 -19.02
C ALA A 31 12.19 -1.73 -20.25
N LYS A 32 12.07 -2.89 -20.90
CA LYS A 32 11.17 -2.97 -22.06
C LYS A 32 9.73 -2.74 -21.63
N LEU A 33 9.33 -3.29 -20.47
CA LEU A 33 7.97 -3.07 -19.98
C LEU A 33 7.68 -1.58 -19.77
N GLU A 34 8.59 -0.84 -19.11
CA GLU A 34 8.29 0.56 -18.85
C GLU A 34 8.33 1.38 -20.13
N GLN A 35 9.16 0.99 -21.09
CA GLN A 35 9.17 1.66 -22.39
C GLN A 35 7.86 1.45 -23.13
N ASP A 36 7.31 0.23 -23.08
CA ASP A 36 6.00 -0.02 -23.66
C ASP A 36 4.92 0.82 -22.98
N PHE A 37 5.04 0.98 -21.65
CA PHE A 37 4.08 1.78 -20.88
C PHE A 37 4.19 3.26 -21.17
N GLY A 38 5.40 3.73 -21.50
CA GLY A 38 5.64 5.14 -21.73
C GLY A 38 5.97 5.93 -20.49
N GLY A 39 6.51 5.30 -19.46
CA GLY A 39 6.79 5.97 -18.21
C GLY A 39 7.85 5.21 -17.45
N SER A 40 7.75 5.29 -16.12
CA SER A 40 8.70 4.69 -15.20
C SER A 40 7.99 3.70 -14.28
N ILE A 41 8.63 2.54 -14.03
CA ILE A 41 8.15 1.52 -13.11
C ILE A 41 9.22 1.26 -12.06
N GLY A 42 8.79 1.18 -10.80
CA GLY A 42 9.63 0.92 -9.63
C GLY A 42 9.17 -0.33 -8.92
N VAL A 43 10.08 -1.29 -8.69
CA VAL A 43 9.73 -2.60 -8.14
C VAL A 43 10.73 -2.99 -7.07
N TYR A 44 10.23 -3.46 -5.94
N TYR A 44 10.24 -3.53 -5.96
CA TYR A 44 11.06 -4.18 -4.97
CA TYR A 44 11.10 -4.17 -4.96
C TYR A 44 10.25 -5.40 -4.56
C TYR A 44 10.36 -5.34 -4.32
N ALA A 45 10.93 -6.54 -4.44
CA ALA A 45 10.32 -7.77 -3.96
C ALA A 45 11.33 -8.55 -3.13
N MET A 46 10.88 -9.08 -2.00
N MET A 46 10.84 -9.22 -2.09
CA MET A 46 11.71 -9.81 -1.06
CA MET A 46 11.68 -9.80 -1.06
C MET A 46 11.14 -11.21 -0.83
C MET A 46 11.16 -11.18 -0.70
N ASP A 47 11.99 -12.21 -0.90
CA ASP A 47 11.68 -13.57 -0.45
C ASP A 47 12.11 -13.64 1.01
N THR A 48 11.16 -13.72 1.94
CA THR A 48 11.51 -13.66 3.36
C THR A 48 12.16 -14.93 3.87
N GLY A 49 12.21 -15.98 3.06
CA GLY A 49 12.90 -17.19 3.48
C GLY A 49 14.40 -17.06 3.29
N SER A 50 14.83 -16.73 2.08
CA SER A 50 16.24 -16.72 1.72
C SER A 50 16.87 -15.33 1.80
N GLY A 51 16.08 -14.27 1.73
CA GLY A 51 16.59 -12.93 1.64
C GLY A 51 16.85 -12.45 0.23
N ALA A 52 16.61 -13.28 -0.78
CA ALA A 52 16.77 -12.87 -2.17
C ALA A 52 15.78 -11.77 -2.52
N THR A 53 16.21 -10.87 -3.40
N THR A 53 16.21 -10.84 -3.38
CA THR A 53 15.47 -9.66 -3.74
CA THR A 53 15.42 -9.69 -3.74
C THR A 53 15.51 -9.42 -5.24
C THR A 53 15.50 -9.43 -5.23
N VAL A 54 14.44 -8.80 -5.75
CA VAL A 54 14.38 -8.21 -7.08
C VAL A 54 14.22 -6.71 -6.90
N SER A 55 14.97 -5.93 -7.66
N SER A 55 15.01 -5.91 -7.61
CA SER A 55 15.03 -4.48 -7.44
CA SER A 55 14.97 -4.46 -7.42
C SER A 55 15.19 -3.77 -8.78
C SER A 55 15.18 -3.76 -8.76
N TYR A 56 14.26 -2.85 -9.09
CA TYR A 56 14.34 -2.04 -10.31
C TYR A 56 13.81 -0.65 -9.96
N ARG A 57 14.65 0.38 -10.11
CA ARG A 57 14.29 1.75 -9.68
C ARG A 57 13.76 1.75 -8.25
N ALA A 58 14.29 0.88 -7.38
CA ALA A 58 13.66 0.62 -6.09
C ALA A 58 13.87 1.73 -5.07
N GLU A 59 14.83 2.62 -5.27
CA GLU A 59 15.12 3.73 -4.36
C GLU A 59 14.69 5.07 -4.95
N GLU A 60 14.03 5.08 -6.12
CA GLU A 60 13.42 6.30 -6.62
C GLU A 60 12.14 6.61 -5.86
N ARG A 61 11.81 7.89 -5.75
CA ARG A 61 10.54 8.27 -5.17
C ARG A 61 9.41 8.20 -6.20
N PHE A 62 8.26 7.68 -5.76
CA PHE A 62 7.02 7.67 -6.53
C PHE A 62 5.90 8.18 -5.62
N PRO A 63 4.86 8.82 -6.19
CA PRO A 63 3.72 9.25 -5.37
C PRO A 63 3.03 8.07 -4.72
N LEU A 64 2.69 8.23 -3.44
CA LEU A 64 1.95 7.21 -2.72
C LEU A 64 0.51 7.06 -3.21
N CYS A 65 -0.15 8.18 -3.55
CA CYS A 65 -1.61 8.15 -3.80
C CYS A 65 -2.27 7.45 -2.61
N SER A 66 -3.33 6.65 -2.85
CA SER A 66 -4.06 6.04 -1.73
C SER A 66 -3.31 4.95 -1.00
N SER A 67 -2.12 4.53 -1.46
CA SER A 67 -1.40 3.47 -0.76
C SER A 67 -0.96 3.90 0.64
N PHE A 68 -1.00 5.20 0.95
CA PHE A 68 -0.70 5.62 2.31
C PHE A 68 -1.70 5.02 3.31
N LYS A 69 -2.90 4.62 2.84
CA LYS A 69 -3.97 4.25 3.75
C LYS A 69 -3.68 2.93 4.47
N GLY A 70 -2.94 2.00 3.83
CA GLY A 70 -2.52 0.82 4.56
C GLY A 70 -1.68 1.14 5.79
N PHE A 71 -0.66 1.99 5.61
CA PHE A 71 0.15 2.40 6.74
C PHE A 71 -0.64 3.18 7.78
N LEU A 72 -1.63 3.94 7.33
CA LEU A 72 -2.52 4.65 8.26
C LEU A 72 -3.28 3.68 9.15
N ALA A 73 -3.81 2.60 8.57
CA ALA A 73 -4.50 1.59 9.38
C ALA A 73 -3.54 0.90 10.36
N ALA A 74 -2.30 0.63 9.93
CA ALA A 74 -1.32 0.07 10.85
C ALA A 74 -1.03 1.03 12.01
N ALA A 75 -0.95 2.34 11.72
CA ALA A 75 -0.73 3.32 12.80
C ALA A 75 -1.89 3.32 13.80
N VAL A 76 -3.12 3.23 13.31
CA VAL A 76 -4.28 3.13 14.19
C VAL A 76 -4.18 1.89 15.08
N LEU A 77 -3.81 0.75 14.48
CA LEU A 77 -3.64 -0.48 15.26
C LEU A 77 -2.54 -0.32 16.33
N ALA A 78 -1.42 0.32 15.98
CA ALA A 78 -0.37 0.54 16.95
C ALA A 78 -0.88 1.36 18.14
N ARG A 79 -1.66 2.41 17.87
CA ARG A 79 -2.22 3.21 18.94
C ARG A 79 -3.17 2.37 19.81
N SER A 80 -3.91 1.45 19.19
CA SER A 80 -4.85 0.62 19.94
C SER A 80 -4.16 -0.28 20.94
N GLN A 81 -2.87 -0.52 20.79
CA GLN A 81 -2.15 -1.33 21.78
C GLN A 81 -2.07 -0.59 23.11
N GLN A 82 -2.10 0.73 23.10
CA GLN A 82 -2.09 1.54 24.32
C GLN A 82 -3.45 2.14 24.65
N GLN A 83 -4.49 1.87 23.85
CA GLN A 83 -5.85 2.34 24.13
C GLN A 83 -6.82 1.21 23.80
N ALA A 84 -7.20 0.44 24.83
CA ALA A 84 -7.96 -0.80 24.60
C ALA A 84 -9.29 -0.53 23.91
N GLY A 85 -9.89 0.63 24.13
CA GLY A 85 -11.19 0.91 23.56
C GLY A 85 -11.18 1.64 22.23
N LEU A 86 -10.02 1.86 21.62
CA LEU A 86 -9.97 2.74 20.47
C LEU A 86 -10.76 2.17 19.28
N LEU A 87 -10.57 0.89 18.98
CA LEU A 87 -11.12 0.36 17.73
C LEU A 87 -12.64 0.39 17.69
N ASP A 88 -13.29 0.23 18.83
CA ASP A 88 -14.74 0.22 18.89
C ASP A 88 -15.32 1.59 19.24
N THR A 89 -14.52 2.65 19.19
CA THR A 89 -15.03 3.99 19.47
C THR A 89 -15.87 4.48 18.31
N PRO A 90 -17.12 4.91 18.55
N PRO A 90 -17.10 4.95 18.55
CA PRO A 90 -17.92 5.45 17.44
CA PRO A 90 -17.92 5.45 17.44
C PRO A 90 -17.44 6.83 17.03
C PRO A 90 -17.60 6.88 17.04
N ILE A 91 -17.53 7.10 15.73
CA ILE A 91 -17.15 8.38 15.15
C ILE A 91 -18.30 8.90 14.28
N ARG A 92 -18.85 10.05 14.66
N ARG A 92 -18.87 10.06 14.65
CA ARG A 92 -19.84 10.75 13.86
CA ARG A 92 -19.89 10.70 13.83
C ARG A 92 -19.15 11.81 13.01
C ARG A 92 -19.28 11.89 13.09
N TYR A 93 -19.75 12.11 11.86
CA TYR A 93 -19.16 13.09 10.94
C TYR A 93 -20.26 13.77 10.15
N GLY A 94 -19.97 14.97 9.65
CA GLY A 94 -20.92 15.73 8.87
C GLY A 94 -20.70 15.56 7.37
N LYS A 95 -21.66 16.09 6.61
CA LYS A 95 -21.59 15.95 5.15
C LYS A 95 -20.34 16.62 4.57
N ASN A 96 -19.80 17.63 5.28
CA ASN A 96 -18.59 18.30 4.82
C ASN A 96 -17.37 17.40 4.85
N ALA A 97 -17.42 16.29 5.59
CA ALA A 97 -16.32 15.33 5.59
C ALA A 97 -16.32 14.44 4.34
N LEU A 98 -17.42 14.37 3.60
CA LEU A 98 -17.51 13.46 2.46
C LEU A 98 -16.85 14.11 1.26
N VAL A 99 -15.81 13.47 0.74
CA VAL A 99 -15.11 13.91 -0.46
C VAL A 99 -15.38 12.86 -1.53
N PRO A 100 -15.09 13.15 -2.80
CA PRO A 100 -15.34 12.16 -3.86
C PRO A 100 -14.68 10.83 -3.53
N TRP A 101 -15.33 9.75 -3.98
CA TRP A 101 -14.94 8.36 -3.75
C TRP A 101 -14.89 8.02 -2.26
N SER A 102 -16.06 8.01 -1.65
CA SER A 102 -16.27 7.61 -0.26
C SER A 102 -17.43 6.62 -0.22
N PRO A 103 -17.26 5.45 -0.86
CA PRO A 103 -18.42 4.56 -1.11
C PRO A 103 -19.00 3.93 0.15
N ILE A 104 -18.21 3.72 1.19
CA ILE A 104 -18.73 3.14 2.43
C ILE A 104 -19.20 4.21 3.39
N SER A 105 -18.33 5.20 3.66
CA SER A 105 -18.66 6.24 4.64
C SER A 105 -19.93 7.02 4.26
N GLU A 106 -20.21 7.17 2.97
CA GLU A 106 -21.43 7.88 2.59
C GLU A 106 -22.68 7.12 3.02
N LYS A 107 -22.61 5.81 3.20
CA LYS A 107 -23.77 5.02 3.59
C LYS A 107 -24.01 5.04 5.10
N TYR A 108 -23.07 5.57 5.88
CA TYR A 108 -23.18 5.66 7.32
C TYR A 108 -23.11 7.11 7.80
N LEU A 109 -23.30 8.07 6.88
CA LEU A 109 -23.32 9.48 7.25
C LEU A 109 -24.31 9.75 8.39
N THR A 110 -25.50 9.17 8.31
CA THR A 110 -26.54 9.47 9.30
C THR A 110 -26.40 8.65 10.58
N THR A 111 -25.41 7.73 10.66
CA THR A 111 -25.27 6.89 11.85
C THR A 111 -23.90 6.95 12.52
N GLY A 112 -22.84 7.30 11.80
CA GLY A 112 -21.48 7.13 12.28
C GLY A 112 -20.96 5.72 12.02
N MET A 113 -19.65 5.55 12.22
N MET A 113 -19.64 5.55 12.23
CA MET A 113 -18.98 4.25 12.11
CA MET A 113 -18.93 4.29 12.07
C MET A 113 -17.90 4.20 13.19
C MET A 113 -17.88 4.20 13.17
N THR A 114 -17.48 2.98 13.55
CA THR A 114 -16.38 2.87 14.51
C THR A 114 -15.03 3.11 13.83
N VAL A 115 -14.00 3.33 14.66
CA VAL A 115 -12.62 3.50 14.19
C VAL A 115 -12.19 2.28 13.37
N ALA A 116 -12.51 1.08 13.86
CA ALA A 116 -12.17 -0.12 13.10
C ALA A 116 -12.89 -0.17 11.76
N GLU A 117 -14.18 0.20 11.72
CA GLU A 117 -14.91 0.23 10.46
C GLU A 117 -14.34 1.26 9.48
N LEU A 118 -13.94 2.44 9.98
CA LEU A 118 -13.30 3.40 9.10
C LEU A 118 -11.99 2.87 8.56
N SER A 119 -11.21 2.19 9.40
CA SER A 119 -9.93 1.63 8.96
C SER A 119 -10.15 0.57 7.88
N ALA A 120 -11.11 -0.32 8.10
CA ALA A 120 -11.42 -1.32 7.09
C ALA A 120 -11.88 -0.68 5.77
N ALA A 121 -12.71 0.37 5.83
CA ALA A 121 -13.17 1.01 4.61
C ALA A 121 -12.03 1.66 3.85
N ALA A 122 -11.13 2.33 4.58
CA ALA A 122 -9.97 2.97 3.96
C ALA A 122 -9.09 1.95 3.27
N VAL A 123 -8.88 0.78 3.89
CA VAL A 123 -8.00 -0.23 3.33
C VAL A 123 -8.69 -1.00 2.19
N GLN A 124 -9.95 -1.37 2.36
CA GLN A 124 -10.59 -2.36 1.48
C GLN A 124 -11.40 -1.76 0.35
N TYR A 125 -11.80 -0.51 0.45
CA TYR A 125 -12.55 0.19 -0.58
C TYR A 125 -11.85 1.50 -0.97
N SER A 126 -10.67 1.75 -0.41
CA SER A 126 -9.95 3.01 -0.61
C SER A 126 -10.87 4.21 -0.36
N ASP A 127 -11.70 4.10 0.68
CA ASP A 127 -12.65 5.16 1.02
C ASP A 127 -11.90 6.43 1.39
N ASN A 128 -12.17 7.52 0.66
CA ASN A 128 -11.38 8.74 0.86
C ASN A 128 -11.77 9.46 2.16
N ALA A 129 -13.08 9.63 2.42
CA ALA A 129 -13.48 10.33 3.65
C ALA A 129 -13.00 9.58 4.89
N ALA A 130 -13.13 8.25 4.91
CA ALA A 130 -12.68 7.49 6.07
C ALA A 130 -11.22 7.76 6.38
N ALA A 131 -10.37 7.81 5.34
CA ALA A 131 -8.96 8.02 5.59
C ALA A 131 -8.67 9.43 6.07
N ASN A 132 -9.40 10.46 5.59
CA ASN A 132 -9.18 11.80 6.12
C ASN A 132 -9.60 11.89 7.59
N LEU A 133 -10.67 11.20 7.99
CA LEU A 133 -11.07 11.22 9.39
C LEU A 133 -10.02 10.55 10.28
N LEU A 134 -9.47 9.42 9.84
CA LEU A 134 -8.44 8.74 10.63
C LEU A 134 -7.14 9.55 10.68
N LEU A 135 -6.77 10.18 9.56
CA LEU A 135 -5.58 11.02 9.57
C LEU A 135 -5.72 12.15 10.58
N LYS A 136 -6.91 12.74 10.69
CA LYS A 136 -7.12 13.78 11.70
C LYS A 136 -6.91 13.22 13.10
N GLU A 137 -7.42 12.01 13.36
CA GLU A 137 -7.26 11.37 14.66
C GLU A 137 -5.81 11.11 15.02
N LEU A 138 -4.94 10.87 14.04
CA LEU A 138 -3.52 10.61 14.26
C LEU A 138 -2.66 11.88 14.28
N GLY A 139 -3.24 13.06 14.14
CA GLY A 139 -2.44 14.28 14.11
C GLY A 139 -1.95 14.68 12.73
N GLY A 140 -2.65 14.28 11.68
CA GLY A 140 -2.40 14.75 10.34
C GLY A 140 -1.25 14.04 9.64
N PRO A 141 -0.90 14.55 8.46
CA PRO A 141 0.24 13.97 7.70
C PRO A 141 1.52 13.83 8.52
N ALA A 142 1.84 14.80 9.37
CA ALA A 142 3.05 14.68 10.19
C ALA A 142 2.93 13.54 11.20
N GLY A 143 1.72 13.27 11.71
CA GLY A 143 1.55 12.19 12.65
C GLY A 143 1.74 10.82 12.01
N LEU A 144 1.27 10.64 10.79
CA LEU A 144 1.52 9.37 10.10
C LEU A 144 3.01 9.22 9.77
N THR A 145 3.63 10.31 9.32
CA THR A 145 5.08 10.27 9.07
C THR A 145 5.85 9.90 10.33
N ALA A 146 5.47 10.47 11.48
CA ALA A 146 6.10 10.11 12.75
C ALA A 146 5.95 8.62 13.06
N PHE A 147 4.79 8.03 12.77
CA PHE A 147 4.66 6.59 12.98
C PHE A 147 5.65 5.81 12.11
N MET A 148 5.76 6.19 10.85
CA MET A 148 6.70 5.49 9.97
C MET A 148 8.14 5.64 10.44
N ARG A 149 8.52 6.83 10.94
CA ARG A 149 9.86 6.96 11.53
C ARG A 149 10.05 6.02 12.72
N SER A 150 8.98 5.77 13.48
CA SER A 150 9.08 4.96 14.69
C SER A 150 9.34 3.49 14.41
N ILE A 151 9.03 3.03 13.20
CA ILE A 151 9.35 1.66 12.78
C ILE A 151 10.64 1.61 11.95
N GLY A 152 11.36 2.72 11.82
CA GLY A 152 12.64 2.75 11.13
C GLY A 152 12.60 3.13 9.67
N ASP A 153 11.49 3.64 9.17
CA ASP A 153 11.38 4.06 7.77
C ASP A 153 11.72 5.55 7.70
N THR A 154 12.88 5.87 7.09
CA THR A 154 13.33 7.26 6.95
C THR A 154 13.00 7.87 5.58
N THR A 155 12.30 7.13 4.72
CA THR A 155 12.02 7.55 3.36
C THR A 155 10.61 8.11 3.21
N PHE A 156 9.62 7.40 3.77
CA PHE A 156 8.22 7.80 3.68
C PHE A 156 8.00 9.23 4.12
N ARG A 157 7.19 9.96 3.35
CA ARG A 157 6.68 11.24 3.83
C ARG A 157 5.26 11.46 3.33
N LEU A 158 4.38 11.80 4.26
CA LEU A 158 3.07 12.36 3.93
C LEU A 158 3.07 13.83 4.32
N ASP A 159 2.53 14.66 3.42
CA ASP A 159 2.65 16.11 3.53
C ASP A 159 1.31 16.84 3.48
N ARG A 160 0.34 16.28 2.75
CA ARG A 160 -0.94 16.92 2.49
C ARG A 160 -2.09 15.97 2.80
N TRP A 161 -3.30 16.54 2.80
CA TRP A 161 -4.55 15.78 2.95
C TRP A 161 -5.07 15.36 1.58
N GLN A 162 -6.13 14.55 1.58
CA GLN A 162 -6.83 14.21 0.34
C GLN A 162 -7.85 15.30 0.03
N LEU A 163 -8.05 15.62 -1.26
CA LEU A 163 -7.47 14.94 -2.42
C LEU A 163 -6.16 15.53 -2.90
N GLU A 164 -5.72 16.62 -2.24
CA GLU A 164 -4.56 17.37 -2.68
C GLU A 164 -3.31 16.52 -2.83
N LEU A 165 -3.13 15.49 -2.01
CA LEU A 165 -1.92 14.67 -2.05
C LEU A 165 -1.78 13.83 -3.31
N ASN A 166 -2.75 13.85 -4.23
CA ASN A 166 -2.70 13.06 -5.46
C ASN A 166 -2.11 13.80 -6.67
N SER A 167 -1.57 15.02 -6.48
CA SER A 167 -1.16 15.83 -7.62
C SER A 167 -0.04 15.21 -8.46
N ALA A 168 0.82 14.37 -7.86
CA ALA A 168 1.79 13.53 -8.58
C ALA A 168 2.70 14.36 -9.50
N ILE A 169 3.08 15.55 -9.06
CA ILE A 169 3.85 16.47 -9.89
C ILE A 169 5.25 15.91 -10.12
N PRO A 170 5.74 15.84 -11.35
CA PRO A 170 7.12 15.36 -11.58
C PRO A 170 8.16 16.16 -10.80
N GLY A 171 9.02 15.43 -10.09
CA GLY A 171 10.07 16.00 -9.26
C GLY A 171 9.66 16.41 -7.86
N ASP A 172 8.37 16.39 -7.52
CA ASP A 172 7.87 16.82 -6.21
C ASP A 172 7.99 15.66 -5.23
N ALA A 173 8.78 15.81 -4.16
CA ALA A 173 8.91 14.75 -3.16
C ALA A 173 7.75 14.67 -2.16
N ARG A 174 6.85 15.65 -2.11
CA ARG A 174 5.72 15.58 -1.18
C ARG A 174 4.90 14.31 -1.43
N ASP A 175 4.46 13.66 -0.35
CA ASP A 175 3.52 12.52 -0.45
C ASP A 175 4.08 11.41 -1.32
N THR A 176 5.36 11.07 -1.08
CA THR A 176 6.04 9.99 -1.79
C THR A 176 6.75 9.04 -0.85
N SER A 177 7.07 7.86 -1.38
CA SER A 177 8.07 6.96 -0.78
C SER A 177 8.77 6.22 -1.92
N SER A 178 9.61 5.25 -1.57
CA SER A 178 10.25 4.40 -2.57
C SER A 178 9.70 2.98 -2.51
N PRO A 179 9.73 2.22 -3.62
CA PRO A 179 9.28 0.81 -3.54
C PRO A 179 9.98 0.02 -2.46
N ARG A 180 11.29 0.21 -2.30
CA ARG A 180 12.04 -0.52 -1.29
C ARG A 180 11.54 -0.19 0.12
N ALA A 181 11.39 1.08 0.46
CA ALA A 181 10.97 1.41 1.82
C ALA A 181 9.55 0.93 2.08
N VAL A 182 8.67 1.03 1.09
CA VAL A 182 7.31 0.50 1.23
C VAL A 182 7.37 -1.00 1.57
N THR A 183 8.15 -1.75 0.81
CA THR A 183 8.24 -3.20 1.07
C THR A 183 8.83 -3.50 2.43
N GLU A 184 9.90 -2.79 2.81
CA GLU A 184 10.52 -3.05 4.10
C GLU A 184 9.57 -2.74 5.26
N SER A 185 8.82 -1.65 5.16
CA SER A 185 7.86 -1.31 6.21
C SER A 185 6.69 -2.28 6.24
N LEU A 186 6.20 -2.69 5.06
CA LEU A 186 5.12 -3.69 5.01
C LEU A 186 5.56 -4.98 5.67
N GLN A 187 6.81 -5.41 5.43
N GLN A 187 6.80 -5.42 5.44
N GLN A 187 6.80 -5.41 5.43
CA GLN A 187 7.31 -6.63 6.06
CA GLN A 187 7.25 -6.65 6.08
CA GLN A 187 7.30 -6.63 6.06
C GLN A 187 7.34 -6.51 7.57
C GLN A 187 7.26 -6.49 7.60
C GLN A 187 7.30 -6.50 7.59
N LYS A 188 7.80 -5.37 8.09
CA LYS A 188 7.87 -5.18 9.53
C LYS A 188 6.50 -5.25 10.19
N LEU A 189 5.48 -4.68 9.53
CA LEU A 189 4.14 -4.60 10.09
C LEU A 189 3.33 -5.87 9.95
N THR A 190 3.51 -6.65 8.88
CA THR A 190 2.70 -7.84 8.65
C THR A 190 3.37 -9.13 9.11
N LEU A 191 4.70 -9.18 9.15
CA LEU A 191 5.43 -10.40 9.42
C LEU A 191 6.44 -10.24 10.55
N GLY A 192 6.94 -9.03 10.77
CA GLY A 192 7.89 -8.74 11.83
C GLY A 192 7.21 -8.38 13.13
N SER A 193 7.92 -7.61 13.96
CA SER A 193 7.47 -7.36 15.33
C SER A 193 7.00 -5.93 15.58
N ALA A 194 6.78 -5.12 14.55
CA ALA A 194 6.38 -3.73 14.76
C ALA A 194 5.02 -3.61 15.42
N LEU A 195 4.14 -4.58 15.21
CA LEU A 195 2.85 -4.64 15.87
C LEU A 195 2.80 -5.89 16.75
N ALA A 196 2.04 -5.81 17.85
CA ALA A 196 1.78 -6.99 18.65
C ALA A 196 0.95 -7.99 17.86
N ALA A 197 0.99 -9.25 18.28
CA ALA A 197 0.44 -10.33 17.45
C ALA A 197 -1.03 -10.15 17.09
N PRO A 198 -1.93 -9.79 18.01
CA PRO A 198 -3.33 -9.60 17.60
C PRO A 198 -3.50 -8.48 16.57
N GLN A 199 -2.82 -7.36 16.77
CA GLN A 199 -2.90 -6.25 15.83
C GLN A 199 -2.29 -6.61 14.48
N ARG A 200 -1.20 -7.39 14.49
N ARG A 200 -1.20 -7.39 14.49
CA ARG A 200 -0.57 -7.82 13.25
CA ARG A 200 -0.58 -7.81 13.24
C ARG A 200 -1.54 -8.64 12.41
C ARG A 200 -1.55 -8.65 12.40
N GLN A 201 -2.23 -9.60 13.04
CA GLN A 201 -3.18 -10.43 12.29
C GLN A 201 -4.38 -9.61 11.80
N GLN A 202 -4.83 -8.62 12.58
CA GLN A 202 -5.90 -7.75 12.09
C GLN A 202 -5.45 -6.95 10.86
N PHE A 203 -4.23 -6.44 10.87
CA PHE A 203 -3.72 -5.74 9.69
C PHE A 203 -3.71 -6.67 8.47
N VAL A 204 -3.16 -7.87 8.63
CA VAL A 204 -3.17 -8.87 7.56
C VAL A 204 -4.59 -9.13 7.06
N ASP A 205 -5.54 -9.31 7.99
CA ASP A 205 -6.91 -9.60 7.59
C ASP A 205 -7.53 -8.45 6.78
N TRP A 206 -7.27 -7.20 7.17
CA TRP A 206 -7.78 -6.09 6.39
C TRP A 206 -7.21 -6.11 4.97
N LEU A 207 -5.89 -6.29 4.84
CA LEU A 207 -5.27 -6.34 3.52
C LEU A 207 -5.82 -7.51 2.69
N LYS A 208 -6.04 -8.67 3.32
CA LYS A 208 -6.56 -9.83 2.59
C LYS A 208 -7.95 -9.53 2.04
N GLY A 209 -8.75 -8.73 2.73
CA GLY A 209 -10.08 -8.38 2.29
C GLY A 209 -10.18 -7.22 1.31
N ASN A 210 -9.06 -6.70 0.81
CA ASN A 210 -9.16 -5.57 -0.11
C ASN A 210 -9.96 -5.97 -1.36
N THR A 211 -10.77 -5.03 -1.85
CA THR A 211 -11.60 -5.25 -3.04
C THR A 211 -11.12 -4.51 -4.29
N THR A 212 -10.11 -3.65 -4.19
CA THR A 212 -9.77 -2.75 -5.30
C THR A 212 -8.56 -3.21 -6.11
N GLY A 213 -7.97 -4.36 -5.80
CA GLY A 213 -6.72 -4.77 -6.41
C GLY A 213 -6.77 -5.98 -7.31
N ASN A 214 -7.94 -6.37 -7.80
CA ASN A 214 -8.03 -7.63 -8.54
C ASN A 214 -7.28 -7.63 -9.86
N HIS A 215 -6.97 -6.46 -10.42
CA HIS A 215 -6.30 -6.36 -11.71
C HIS A 215 -4.84 -5.98 -11.59
N ARG A 216 -4.29 -5.97 -10.38
CA ARG A 216 -2.90 -5.55 -10.13
C ARG A 216 -2.09 -6.74 -9.63
N ILE A 217 -1.41 -6.67 -8.48
CA ILE A 217 -0.56 -7.79 -8.05
C ILE A 217 -1.35 -9.11 -8.00
N ARG A 218 -2.59 -9.08 -7.50
CA ARG A 218 -3.40 -10.31 -7.43
C ARG A 218 -3.56 -11.02 -8.78
N ALA A 219 -3.58 -10.28 -9.89
CA ALA A 219 -3.74 -10.91 -11.21
C ALA A 219 -2.54 -11.74 -11.61
N ALA A 220 -1.41 -11.57 -10.94
CA ALA A 220 -0.23 -12.39 -11.16
C ALA A 220 -0.07 -13.52 -10.16
N VAL A 221 -0.97 -13.64 -9.19
CA VAL A 221 -0.83 -14.56 -8.06
C VAL A 221 -1.84 -15.71 -8.25
N PRO A 222 -1.38 -16.98 -8.23
CA PRO A 222 -2.34 -18.10 -8.27
C PRO A 222 -3.46 -18.01 -7.24
N ALA A 223 -4.62 -18.52 -7.65
CA ALA A 223 -5.80 -18.38 -6.80
C ALA A 223 -5.69 -19.13 -5.49
N ASP A 224 -4.89 -20.19 -5.42
CA ASP A 224 -4.76 -20.98 -4.20
C ASP A 224 -3.69 -20.46 -3.22
N TRP A 225 -3.13 -19.27 -3.46
CA TRP A 225 -2.23 -18.61 -2.53
C TRP A 225 -2.94 -17.46 -1.81
N ALA A 226 -2.67 -17.31 -0.52
CA ALA A 226 -3.22 -16.17 0.22
C ALA A 226 -2.48 -14.90 -0.18
N VAL A 227 -3.21 -13.77 -0.19
N VAL A 227 -3.23 -13.79 -0.24
CA VAL A 227 -2.62 -12.49 -0.61
CA VAL A 227 -2.67 -12.49 -0.60
C VAL A 227 -3.43 -11.34 -0.02
C VAL A 227 -3.42 -11.41 0.15
N GLY A 228 -2.70 -10.34 0.48
CA GLY A 228 -3.32 -9.09 0.90
C GLY A 228 -2.58 -7.93 0.26
N ASP A 229 -3.32 -6.86 -0.07
CA ASP A 229 -2.72 -5.74 -0.78
C ASP A 229 -3.42 -4.42 -0.47
N LYS A 230 -2.75 -3.30 -0.85
CA LYS A 230 -3.36 -1.97 -0.90
C LYS A 230 -2.94 -1.26 -2.19
N THR A 231 -3.91 -0.73 -2.92
CA THR A 231 -3.71 0.02 -4.15
C THR A 231 -3.60 1.54 -3.95
N GLY A 232 -3.11 2.21 -4.98
CA GLY A 232 -3.18 3.66 -5.11
C GLY A 232 -3.35 4.08 -6.55
N THR A 233 -4.17 5.10 -6.81
CA THR A 233 -4.40 5.64 -8.14
C THR A 233 -4.54 7.15 -8.03
N CYS A 234 -3.56 7.91 -8.52
CA CYS A 234 -3.58 9.38 -8.34
C CYS A 234 -4.52 10.08 -9.31
N GLY A 235 -4.73 9.52 -10.51
CA GLY A 235 -5.59 10.14 -11.50
C GLY A 235 -4.91 11.05 -12.52
N VAL A 236 -3.60 11.27 -12.37
CA VAL A 236 -2.82 12.11 -13.25
C VAL A 236 -1.44 11.48 -13.42
N TYR A 237 -0.72 11.90 -14.46
CA TYR A 237 0.69 11.55 -14.64
C TYR A 237 0.91 10.03 -14.65
N GLY A 238 -0.05 9.28 -15.20
CA GLY A 238 0.08 7.84 -15.30
C GLY A 238 0.47 7.16 -14.00
N THR A 239 0.03 7.69 -12.86
CA THR A 239 0.59 7.33 -11.57
C THR A 239 -0.37 6.42 -10.82
N ALA A 240 0.04 5.18 -10.57
CA ALA A 240 -0.74 4.18 -9.86
C ALA A 240 0.20 3.13 -9.27
N ASN A 241 -0.28 2.35 -8.31
CA ASN A 241 0.61 1.47 -7.57
C ASN A 241 -0.16 0.39 -6.83
N ASP A 242 0.59 -0.53 -6.21
CA ASP A 242 0.02 -1.61 -5.39
C ASP A 242 1.19 -2.19 -4.59
N TYR A 243 0.93 -2.56 -3.33
CA TYR A 243 1.87 -3.37 -2.55
C TYR A 243 1.13 -4.55 -1.92
N ALA A 244 1.86 -5.64 -1.67
CA ALA A 244 1.22 -6.86 -1.22
C ALA A 244 2.16 -7.75 -0.41
N VAL A 245 1.56 -8.54 0.47
N VAL A 245 1.53 -8.61 0.40
CA VAL A 245 2.17 -9.75 1.02
CA VAL A 245 2.19 -9.74 1.03
C VAL A 245 1.48 -10.96 0.39
C VAL A 245 1.50 -11.01 0.52
N VAL A 246 2.28 -11.94 -0.02
CA VAL A 246 1.83 -13.12 -0.73
C VAL A 246 2.37 -14.33 0.00
N TRP A 247 1.50 -15.33 0.24
CA TRP A 247 1.88 -16.58 0.90
C TRP A 247 1.78 -17.74 -0.10
N PRO A 248 2.82 -18.02 -0.88
CA PRO A 248 2.82 -19.24 -1.69
C PRO A 248 2.80 -20.44 -0.75
N THR A 249 2.13 -21.51 -1.17
CA THR A 249 2.06 -22.67 -0.30
C THR A 249 3.42 -23.37 -0.27
N GLY A 250 3.77 -23.87 0.92
CA GLY A 250 4.98 -24.67 1.08
C GLY A 250 6.29 -23.90 1.16
N ARG A 251 6.26 -22.56 1.22
CA ARG A 251 7.49 -21.77 1.30
C ARG A 251 7.17 -20.46 2.01
N ALA A 252 8.22 -19.69 2.28
CA ALA A 252 8.06 -18.47 3.06
C ALA A 252 7.36 -17.38 2.25
N PRO A 253 6.70 -16.45 2.92
CA PRO A 253 5.99 -15.38 2.21
C PRO A 253 6.93 -14.44 1.44
N ILE A 254 6.34 -13.82 0.42
CA ILE A 254 6.97 -12.77 -0.39
C ILE A 254 6.30 -11.44 -0.10
N VAL A 255 7.09 -10.38 -0.01
N VAL A 255 7.08 -10.38 -0.05
CA VAL A 255 6.58 -9.02 0.12
CA VAL A 255 6.55 -9.03 0.11
C VAL A 255 7.05 -8.23 -1.09
C VAL A 255 7.07 -8.17 -1.03
N LEU A 256 6.16 -7.46 -1.70
CA LEU A 256 6.54 -6.69 -2.88
C LEU A 256 5.72 -5.41 -3.07
N ALA A 257 6.34 -4.48 -3.80
CA ALA A 257 5.74 -3.18 -4.13
C ALA A 257 6.00 -2.86 -5.60
N VAL A 258 4.97 -2.37 -6.30
CA VAL A 258 5.06 -1.94 -7.71
C VAL A 258 4.45 -0.54 -7.81
N TYR A 259 5.26 0.46 -8.20
CA TYR A 259 4.80 1.84 -8.38
C TYR A 259 5.07 2.30 -9.81
N THR A 260 4.19 3.15 -10.35
CA THR A 260 4.37 3.72 -11.67
C THR A 260 4.15 5.23 -11.69
N ARG A 261 4.73 5.90 -12.67
CA ARG A 261 4.45 7.28 -13.01
C ARG A 261 4.82 7.49 -14.48
N ALA A 262 4.49 8.67 -15.02
CA ALA A 262 4.76 8.98 -16.41
C ALA A 262 4.91 10.49 -16.55
N PRO A 263 5.50 10.96 -17.67
CA PRO A 263 5.94 12.36 -17.72
C PRO A 263 4.85 13.40 -17.95
N ASN A 264 3.75 13.04 -18.61
CA ASN A 264 2.71 14.00 -19.02
C ASN A 264 1.49 13.89 -18.12
N LYS A 265 0.88 15.04 -17.81
CA LYS A 265 -0.25 15.07 -16.86
C LYS A 265 -1.39 14.19 -17.35
N ASP A 266 -1.65 14.17 -18.65
CA ASP A 266 -2.76 13.40 -19.22
C ASP A 266 -2.40 11.97 -19.57
N ASP A 267 -1.19 11.49 -19.24
CA ASP A 267 -0.88 10.09 -19.48
C ASP A 267 -1.76 9.20 -18.60
N LYS A 268 -2.23 8.09 -19.17
CA LYS A 268 -3.10 7.16 -18.45
C LYS A 268 -2.29 6.14 -17.66
N HIS A 269 -2.78 5.77 -16.49
CA HIS A 269 -2.19 4.66 -15.75
C HIS A 269 -2.58 3.34 -16.41
N SER A 270 -1.90 2.26 -16.01
CA SER A 270 -2.19 0.93 -16.53
C SER A 270 -2.18 -0.11 -15.42
N GLU A 271 -3.33 -0.78 -15.23
CA GLU A 271 -3.35 -1.90 -14.29
C GLU A 271 -2.55 -3.08 -14.84
N ALA A 272 -2.65 -3.30 -16.15
CA ALA A 272 -1.96 -4.44 -16.77
C ALA A 272 -0.46 -4.35 -16.57
N VAL A 273 0.09 -3.13 -16.59
N VAL A 273 0.11 -3.13 -16.60
CA VAL A 273 1.53 -2.95 -16.41
CA VAL A 273 1.55 -3.01 -16.41
C VAL A 273 1.95 -3.34 -15.00
C VAL A 273 1.95 -3.38 -14.98
N ILE A 274 1.12 -3.03 -14.00
CA ILE A 274 1.39 -3.39 -12.62
C ILE A 274 1.38 -4.91 -12.45
N ALA A 275 0.36 -5.56 -13.00
CA ALA A 275 0.30 -7.03 -13.00
C ALA A 275 1.52 -7.65 -13.67
N ALA A 276 1.91 -7.12 -14.83
CA ALA A 276 3.05 -7.67 -15.55
C ALA A 276 4.35 -7.49 -14.76
N ALA A 277 4.52 -6.34 -14.11
CA ALA A 277 5.72 -6.14 -13.31
C ALA A 277 5.76 -7.08 -12.10
N ALA A 278 4.59 -7.34 -11.50
CA ALA A 278 4.52 -8.31 -10.42
C ALA A 278 4.90 -9.72 -10.89
N ARG A 279 4.44 -10.11 -12.10
N ARG A 279 4.44 -10.12 -12.09
CA ARG A 279 4.83 -11.39 -12.67
CA ARG A 279 4.85 -11.40 -12.65
C ARG A 279 6.34 -11.49 -12.85
C ARG A 279 6.36 -11.48 -12.80
N LEU A 280 6.97 -10.44 -13.38
CA LEU A 280 8.42 -10.46 -13.56
C LEU A 280 9.14 -10.57 -12.22
N ALA A 281 8.62 -9.90 -11.20
CA ALA A 281 9.26 -9.94 -9.89
C ALA A 281 9.23 -11.35 -9.30
N LEU A 282 8.07 -12.00 -9.37
CA LEU A 282 7.96 -13.37 -8.87
C LEU A 282 8.87 -14.31 -9.67
N GLU A 283 8.94 -14.14 -11.00
CA GLU A 283 9.83 -14.95 -11.81
C GLU A 283 11.28 -14.70 -11.45
N GLY A 284 11.63 -13.44 -11.17
CA GLY A 284 12.99 -13.13 -10.79
C GLY A 284 13.42 -13.76 -9.48
N LEU A 285 12.46 -14.05 -8.59
CA LEU A 285 12.72 -14.71 -7.31
C LEU A 285 12.68 -16.24 -7.42
N GLY A 286 12.34 -16.79 -8.58
CA GLY A 286 12.32 -18.22 -8.74
C GLY A 286 11.12 -18.89 -8.12
N VAL A 287 10.06 -18.14 -7.87
CA VAL A 287 8.82 -18.71 -7.36
C VAL A 287 8.06 -19.24 -8.56
N ASN A 288 7.75 -20.53 -8.55
CA ASN A 288 6.94 -21.10 -9.63
C ASN A 288 5.49 -20.72 -9.41
N GLY A 289 4.84 -20.22 -10.46
CA GLY A 289 3.45 -19.83 -10.39
C GLY A 289 2.59 -20.59 -11.38
#